data_7LC4
#
_entry.id   7LC4
#
_cell.length_a   67.765
_cell.length_b   82.661
_cell.length_c   88.799
_cell.angle_alpha   90.000
_cell.angle_beta   90.000
_cell.angle_gamma   90.000
#
_symmetry.space_group_name_H-M   'P 21 21 21'
#
loop_
_entity.id
_entity.type
_entity.pdbx_description
1 polymer 'Peptidoglycan D,D-transpeptidase FtsI'
2 non-polymer '1-[(2S)-2-{[(2Z)-2-(2-amino-5-chloro-1,3-thiazol-4-yl)-2-{[(2-carboxypropan-2-yl)oxy]imino}acetyl]amino}-3-oxopropyl]-4-{[2-(5,6-dihydroxy-1,3-dioxo-1,3-dihydro-2H-isoindol-2-yl)ethyl]carbamoyl}-2,5-dihydro-1H-pyrazole-3-carboxylic acid'
3 water water
#
_entity_poly.entity_id   1
_entity_poly.type   'polypeptide(L)'
_entity_poly.pdbx_seq_one_letter_code
;MGHHHHHHARSVRHIAIPAHRGLITDRNGEPLAVSTPVTTLWANPKELMTAKERWPQLAAALGQDTKLFADRIEQNAERE
FIYLVRGLTPEQGEGVIALKVPGVYSIEEFRRFYPAGEVVAHAVGFTDVDDRGREGIELAFDEWLAGVPGKRQVLKDRRG
RVIKDVQVTKNAKPGKTLALSIDLRLQYLAHRELRNALLENGAKAGSLVIMDVKTGEILAMTNQPTYNPNNRRNLQPAAM
RNRAMIDVFEPGSTVKPFSMSAALASGRWKPSDIVDVYPGTLQIGRYTIRDVSRNSRQLDLTGILIKSSNVGISKIAFDI
GAESIYSVMQQVGLGQDTGLGFPGERVGNLPNHRKWPKAETATLAYGYGLSVTAIQLAHAYAALANDGKSVPLSMTRVDR
VPDGVQVISPEVASTVQGMLQQVVEAQGGVFRAQVPGYHAAGKSGTARKVSVGTKGYRENAYRSLFAGFAPATDPRIAMV
VVIDEPSKAGYFGGLVSAPVFSKVMAGALRLMNVPPDNLPTATEQQQVNAAPAKGGRG
;
_entity_poly.pdbx_strand_id   A
#
# COMPACT_ATOMS: atom_id res chain seq x y z
N ALA A 16 24.12 -28.62 3.72
CA ALA A 16 23.50 -28.35 2.37
C ALA A 16 23.97 -27.00 1.82
N ILE A 17 24.10 -26.89 0.49
CA ILE A 17 24.61 -25.69 -0.26
C ILE A 17 23.46 -24.70 -0.42
N PRO A 18 23.44 -23.56 0.32
CA PRO A 18 22.37 -22.57 0.13
C PRO A 18 22.37 -22.07 -1.33
N ALA A 19 21.18 -21.90 -1.91
CA ALA A 19 20.98 -21.47 -3.32
C ALA A 19 20.93 -19.93 -3.40
N HIS A 20 21.33 -19.40 -4.55
CA HIS A 20 21.30 -17.96 -4.90
C HIS A 20 19.83 -17.55 -5.09
N ARG A 21 19.32 -16.61 -4.29
CA ARG A 21 17.88 -16.22 -4.33
C ARG A 21 17.63 -15.35 -5.58
N GLY A 22 16.48 -15.54 -6.27
CA GLY A 22 16.09 -14.78 -7.47
C GLY A 22 16.23 -13.27 -7.27
N LEU A 23 16.66 -12.58 -8.31
CA LEU A 23 16.69 -11.09 -8.38
C LEU A 23 15.24 -10.53 -8.40
N ILE A 24 14.94 -9.57 -7.54
CA ILE A 24 13.70 -8.75 -7.68
C ILE A 24 14.07 -7.45 -8.40
N THR A 25 13.34 -7.11 -9.46
CA THR A 25 13.51 -5.85 -10.19
C THR A 25 12.20 -5.06 -10.16
N ASP A 26 12.28 -3.79 -10.50
CA ASP A 26 11.07 -2.99 -10.78
C ASP A 26 10.63 -3.36 -12.20
N ARG A 27 9.56 -2.75 -12.68
CA ARG A 27 8.95 -3.15 -13.96
C ARG A 27 9.88 -2.85 -15.15
N ASN A 28 10.89 -1.99 -15.00
CA ASN A 28 11.87 -1.62 -16.05
C ASN A 28 13.22 -2.30 -15.80
N GLY A 29 13.30 -3.27 -14.89
CA GLY A 29 14.58 -3.98 -14.63
C GLY A 29 15.52 -3.27 -13.65
N GLU A 30 15.13 -2.23 -12.93
CA GLU A 30 16.04 -1.66 -11.88
C GLU A 30 16.08 -2.64 -10.71
N PRO A 31 17.26 -3.03 -10.19
CA PRO A 31 17.36 -4.01 -9.11
C PRO A 31 16.84 -3.47 -7.76
N LEU A 32 16.01 -4.30 -7.12
CA LEU A 32 15.35 -3.99 -5.82
C LEU A 32 15.79 -4.96 -4.73
N ALA A 33 16.12 -6.19 -5.05
CA ALA A 33 16.64 -7.17 -4.08
C ALA A 33 17.66 -8.05 -4.78
N VAL A 34 18.88 -8.08 -4.22
CA VAL A 34 20.02 -8.78 -4.89
C VAL A 34 20.69 -9.68 -3.86
N SER A 35 20.93 -10.94 -4.22
CA SER A 35 21.62 -11.92 -3.34
C SER A 35 23.11 -11.53 -3.28
N THR A 36 23.63 -11.29 -2.07
CA THR A 36 25.05 -10.91 -1.82
C THR A 36 25.75 -12.10 -1.17
N PRO A 37 26.90 -12.56 -1.72
CA PRO A 37 27.76 -13.57 -1.08
C PRO A 37 28.26 -13.16 0.31
N VAL A 38 28.03 -14.01 1.30
CA VAL A 38 28.65 -13.86 2.64
C VAL A 38 29.37 -15.18 2.99
N THR A 39 30.24 -15.14 4.00
CA THR A 39 30.99 -16.32 4.51
C THR A 39 30.42 -16.69 5.87
N THR A 40 29.96 -17.92 6.03
CA THR A 40 29.65 -18.55 7.33
C THR A 40 30.83 -19.45 7.74
N LEU A 41 31.28 -19.34 8.98
CA LEU A 41 32.35 -20.20 9.56
C LEU A 41 31.68 -21.20 10.49
N TRP A 42 32.05 -22.46 10.35
CA TRP A 42 31.68 -23.50 11.32
C TRP A 42 32.95 -24.24 11.77
N ALA A 43 32.90 -24.97 12.88
CA ALA A 43 34.08 -25.65 13.42
C ALA A 43 33.70 -27.05 13.85
N ASN A 44 34.66 -27.95 13.72
CA ASN A 44 34.67 -29.28 14.38
C ASN A 44 35.43 -29.08 15.70
N PRO A 45 34.71 -28.94 16.84
CA PRO A 45 35.32 -28.83 18.16
C PRO A 45 36.41 -29.87 18.44
N LYS A 46 36.20 -31.13 18.05
CA LYS A 46 37.20 -32.22 18.23
C LYS A 46 38.54 -31.74 17.67
N GLU A 47 38.52 -31.09 16.50
CA GLU A 47 39.77 -30.60 15.86
C GLU A 47 40.19 -29.29 16.53
N LEU A 48 39.26 -28.38 16.86
CA LEU A 48 39.59 -27.11 17.55
C LEU A 48 40.34 -27.39 18.84
N MET A 49 39.94 -28.44 19.56
CA MET A 49 40.48 -28.82 20.91
C MET A 49 41.94 -29.25 20.81
N THR A 50 42.44 -29.52 19.61
CA THR A 50 43.87 -29.86 19.35
C THR A 50 44.68 -28.58 19.12
N ALA A 51 44.07 -27.39 19.08
CA ALA A 51 44.74 -26.11 18.69
C ALA A 51 44.35 -24.94 19.61
N LYS A 52 44.22 -25.21 20.90
CA LYS A 52 43.77 -24.21 21.91
C LYS A 52 44.62 -22.94 21.86
N GLU A 53 45.90 -23.05 21.52
CA GLU A 53 46.81 -21.86 21.50
C GLU A 53 46.36 -20.89 20.42
N ARG A 54 45.57 -21.33 19.45
CA ARG A 54 45.08 -20.51 18.30
CA ARG A 54 45.11 -20.47 18.32
C ARG A 54 43.79 -19.77 18.69
N TRP A 55 43.06 -20.27 19.69
CA TRP A 55 41.72 -19.78 20.06
C TRP A 55 41.70 -18.27 20.28
N PRO A 56 42.58 -17.66 21.11
CA PRO A 56 42.46 -16.22 21.38
C PRO A 56 42.47 -15.36 20.11
N GLN A 57 43.32 -15.67 19.13
CA GLN A 57 43.43 -14.84 17.92
CA GLN A 57 43.46 -14.94 17.83
C GLN A 57 42.18 -15.16 17.03
N LEU A 58 41.64 -16.38 17.08
CA LEU A 58 40.33 -16.69 16.45
C LEU A 58 39.20 -15.91 17.17
N ALA A 59 39.09 -15.96 18.50
CA ALA A 59 38.09 -15.12 19.25
C ALA A 59 38.21 -13.64 18.85
N ALA A 60 39.40 -13.05 18.92
CA ALA A 60 39.61 -11.60 18.64
C ALA A 60 39.20 -11.28 17.19
N ALA A 61 39.42 -12.20 16.25
CA ALA A 61 39.07 -12.06 14.82
C ALA A 61 37.55 -12.05 14.66
N LEU A 62 36.80 -12.67 15.59
CA LEU A 62 35.32 -12.69 15.59
C LEU A 62 34.77 -11.65 16.58
N GLY A 63 35.62 -10.75 17.08
CA GLY A 63 35.27 -9.68 18.04
C GLY A 63 34.70 -10.21 19.35
N GLN A 64 34.97 -11.49 19.68
CA GLN A 64 34.41 -12.15 20.89
C GLN A 64 35.43 -12.08 22.02
N ASP A 65 34.95 -12.11 23.26
CA ASP A 65 35.81 -12.17 24.46
C ASP A 65 36.54 -13.52 24.39
N THR A 66 37.84 -13.55 24.67
CA THR A 66 38.66 -14.78 24.64
C THR A 66 37.99 -15.81 25.54
N LYS A 67 37.56 -15.42 26.74
CA LYS A 67 37.08 -16.38 27.76
C LYS A 67 35.74 -16.99 27.31
N LEU A 68 34.85 -16.19 26.73
CA LEU A 68 33.48 -16.67 26.38
C LEU A 68 33.58 -17.59 25.15
N PHE A 69 34.41 -17.20 24.20
CA PHE A 69 34.76 -18.09 23.06
C PHE A 69 35.27 -19.44 23.59
N ALA A 70 36.24 -19.44 24.52
CA ALA A 70 36.89 -20.66 25.06
C ALA A 70 35.84 -21.54 25.77
N ASP A 71 34.98 -20.91 26.57
CA ASP A 71 33.86 -21.58 27.29
C ASP A 71 32.98 -22.33 26.27
N ARG A 72 32.59 -21.66 25.19
CA ARG A 72 31.73 -22.24 24.13
C ARG A 72 32.34 -23.53 23.60
N ILE A 73 33.57 -23.47 23.10
CA ILE A 73 34.24 -24.64 22.48
C ILE A 73 34.31 -25.78 23.49
N GLU A 74 34.70 -25.47 24.74
CA GLU A 74 34.88 -26.50 25.80
C GLU A 74 33.52 -27.17 26.05
N GLN A 75 32.43 -26.40 26.03
CA GLN A 75 31.04 -26.89 26.24
C GLN A 75 30.49 -27.63 25.00
N ASN A 76 31.28 -27.83 23.94
CA ASN A 76 30.85 -28.54 22.70
C ASN A 76 31.98 -29.45 22.21
N ALA A 77 32.82 -29.93 23.13
CA ALA A 77 34.07 -30.70 22.87
C ALA A 77 33.75 -32.03 22.16
N GLU A 78 32.55 -32.57 22.39
CA GLU A 78 32.01 -33.79 21.71
C GLU A 78 30.72 -33.40 20.96
N ARG A 79 30.80 -32.37 20.11
CA ARG A 79 29.96 -32.16 18.90
C ARG A 79 30.89 -32.04 17.71
N GLU A 80 30.64 -32.75 16.59
CA GLU A 80 31.53 -32.72 15.41
C GLU A 80 31.26 -31.46 14.57
N PHE A 81 30.18 -30.72 14.88
CA PHE A 81 29.79 -29.48 14.15
C PHE A 81 29.24 -28.47 15.15
N ILE A 82 29.59 -27.19 14.97
CA ILE A 82 28.94 -25.96 15.55
C ILE A 82 29.21 -24.84 14.56
N TYR A 83 28.32 -23.85 14.49
CA TYR A 83 28.52 -22.54 13.81
C TYR A 83 29.40 -21.70 14.71
N LEU A 84 30.32 -20.93 14.13
CA LEU A 84 31.10 -19.92 14.88
C LEU A 84 30.39 -18.59 14.70
N VAL A 85 30.13 -18.24 13.44
CA VAL A 85 29.51 -16.94 13.03
C VAL A 85 28.87 -17.13 11.64
N ARG A 86 27.81 -16.38 11.35
CA ARG A 86 27.14 -16.39 10.02
C ARG A 86 27.23 -14.97 9.47
N GLY A 87 27.32 -14.83 8.16
CA GLY A 87 27.05 -13.55 7.48
C GLY A 87 28.21 -12.58 7.55
N LEU A 88 29.44 -13.07 7.72
CA LEU A 88 30.65 -12.22 7.51
C LEU A 88 30.71 -11.81 6.04
N THR A 89 31.21 -10.61 5.75
CA THR A 89 31.66 -10.26 4.39
C THR A 89 32.70 -11.29 3.99
N PRO A 90 32.94 -11.54 2.68
CA PRO A 90 34.10 -12.33 2.25
C PRO A 90 35.44 -11.83 2.82
N GLU A 91 35.62 -10.53 3.04
CA GLU A 91 36.94 -9.98 3.50
C GLU A 91 37.21 -10.44 4.93
N GLN A 92 36.20 -10.32 5.82
CA GLN A 92 36.28 -10.77 7.23
C GLN A 92 36.53 -12.28 7.29
N GLY A 93 35.76 -13.07 6.53
CA GLY A 93 35.93 -14.53 6.41
C GLY A 93 37.33 -14.92 5.92
N GLU A 94 37.95 -14.09 5.07
CA GLU A 94 39.34 -14.31 4.55
C GLU A 94 40.34 -14.15 5.70
N GLY A 95 40.26 -13.04 6.45
CA GLY A 95 41.05 -12.78 7.66
C GLY A 95 41.02 -13.97 8.62
N VAL A 96 39.86 -14.60 8.81
CA VAL A 96 39.73 -15.78 9.74
C VAL A 96 40.42 -16.98 9.08
N ILE A 97 40.14 -17.24 7.81
CA ILE A 97 40.75 -18.37 7.05
C ILE A 97 42.28 -18.22 7.08
N ALA A 98 42.80 -16.99 6.99
CA ALA A 98 44.27 -16.73 6.98
C ALA A 98 44.90 -17.02 8.36
N LEU A 99 44.13 -17.14 9.44
CA LEU A 99 44.66 -17.61 10.75
C LEU A 99 45.05 -19.09 10.63
N LYS A 100 44.47 -19.83 9.69
CA LYS A 100 44.82 -21.25 9.42
C LYS A 100 44.58 -22.10 10.67
N VAL A 101 43.48 -21.88 11.39
CA VAL A 101 43.20 -22.63 12.63
C VAL A 101 42.69 -24.01 12.24
N PRO A 102 43.29 -25.09 12.76
CA PRO A 102 42.71 -26.44 12.61
C PRO A 102 41.24 -26.51 13.06
N GLY A 103 40.37 -27.06 12.21
CA GLY A 103 38.99 -27.43 12.58
C GLY A 103 38.00 -26.34 12.26
N VAL A 104 38.46 -25.28 11.59
CA VAL A 104 37.63 -24.11 11.17
C VAL A 104 37.36 -24.27 9.66
N TYR A 105 36.09 -24.21 9.27
CA TYR A 105 35.69 -24.39 7.86
C TYR A 105 34.77 -23.25 7.46
N SER A 106 34.60 -23.03 6.16
CA SER A 106 33.75 -21.93 5.63
C SER A 106 32.75 -22.48 4.61
N ILE A 107 31.60 -21.81 4.55
CA ILE A 107 30.49 -22.03 3.58
C ILE A 107 30.15 -20.67 2.98
N GLU A 108 29.96 -20.60 1.66
CA GLU A 108 29.42 -19.41 0.95
C GLU A 108 27.90 -19.43 1.17
N GLU A 109 27.36 -18.47 1.92
CA GLU A 109 25.90 -18.23 2.09
C GLU A 109 25.53 -16.94 1.32
N PHE A 110 24.25 -16.53 1.41
CA PHE A 110 23.71 -15.32 0.74
C PHE A 110 22.93 -14.50 1.74
N ARG A 111 23.15 -13.20 1.64
CA ARG A 111 22.38 -12.18 2.36
C ARG A 111 21.82 -11.24 1.29
N ARG A 112 20.64 -10.71 1.54
CA ARG A 112 20.00 -9.80 0.57
C ARG A 112 20.61 -8.41 0.76
N PHE A 113 20.83 -7.73 -0.35
CA PHE A 113 20.96 -6.25 -0.38
C PHE A 113 19.77 -5.62 -1.12
N TYR A 114 19.30 -4.49 -0.62
CA TYR A 114 18.14 -3.73 -1.12
C TYR A 114 18.62 -2.39 -1.61
N PRO A 115 18.95 -2.26 -2.91
CA PRO A 115 19.60 -1.03 -3.38
C PRO A 115 18.74 0.22 -3.20
N ALA A 116 17.39 0.15 -3.21
CA ALA A 116 16.57 1.38 -3.02
C ALA A 116 16.23 1.59 -1.54
N GLY A 117 16.64 0.69 -0.66
CA GLY A 117 16.47 0.84 0.79
C GLY A 117 15.04 1.19 1.21
N GLU A 118 14.89 2.26 1.99
CA GLU A 118 13.65 2.62 2.69
C GLU A 118 12.57 2.94 1.65
N VAL A 119 12.97 3.32 0.45
CA VAL A 119 12.05 3.83 -0.61
C VAL A 119 11.03 2.75 -0.98
N VAL A 120 11.39 1.48 -1.02
CA VAL A 120 10.42 0.42 -1.42
C VAL A 120 10.46 -0.78 -0.44
N ALA A 121 10.82 -0.54 0.81
CA ALA A 121 11.00 -1.56 1.85
C ALA A 121 9.70 -2.32 2.10
N HIS A 122 8.57 -1.64 2.18
CA HIS A 122 7.29 -2.30 2.54
C HIS A 122 6.82 -3.22 1.42
N ALA A 123 6.95 -2.80 0.15
CA ALA A 123 6.55 -3.63 -1.01
C ALA A 123 7.49 -4.82 -1.14
N VAL A 124 8.80 -4.57 -1.15
CA VAL A 124 9.78 -5.66 -1.45
C VAL A 124 9.87 -6.62 -0.26
N GLY A 125 9.94 -6.06 0.93
CA GLY A 125 10.03 -6.84 2.17
C GLY A 125 11.47 -7.14 2.50
N PHE A 126 11.70 -8.22 3.22
CA PHE A 126 13.06 -8.73 3.50
C PHE A 126 13.00 -10.18 3.99
N THR A 127 14.20 -10.73 4.12
CA THR A 127 14.51 -12.17 4.38
C THR A 127 14.97 -12.31 5.83
N ASP A 128 14.75 -13.47 6.44
CA ASP A 128 15.18 -13.71 7.85
C ASP A 128 16.65 -14.14 7.82
N VAL A 129 17.21 -14.50 8.98
CA VAL A 129 18.62 -15.01 9.14
C VAL A 129 18.93 -16.07 8.07
N ASP A 130 17.98 -16.95 7.74
CA ASP A 130 18.20 -18.13 6.84
C ASP A 130 17.94 -17.78 5.36
N ASP A 131 17.77 -16.50 5.00
CA ASP A 131 17.57 -16.06 3.59
C ASP A 131 16.21 -16.54 3.03
N ARG A 132 15.20 -16.60 3.90
CA ARG A 132 13.80 -16.91 3.55
C ARG A 132 13.01 -15.62 3.75
N GLY A 133 12.04 -15.37 2.87
CA GLY A 133 11.14 -14.22 2.97
C GLY A 133 10.39 -14.22 4.28
N ARG A 134 10.29 -13.03 4.88
CA ARG A 134 9.63 -12.73 6.17
C ARG A 134 8.53 -11.68 6.04
N GLU A 135 8.59 -10.87 4.98
CA GLU A 135 7.63 -9.76 4.76
C GLU A 135 7.59 -9.44 3.26
N GLY A 136 6.54 -8.71 2.87
CA GLY A 136 6.30 -8.20 1.49
C GLY A 136 6.47 -9.27 0.44
N ILE A 137 6.99 -8.89 -0.72
CA ILE A 137 7.16 -9.75 -1.92
C ILE A 137 8.09 -10.91 -1.60
N GLU A 138 9.17 -10.68 -0.85
CA GLU A 138 10.13 -11.75 -0.46
C GLU A 138 9.34 -12.95 0.15
N LEU A 139 8.39 -12.67 1.04
CA LEU A 139 7.46 -13.65 1.71
C LEU A 139 6.48 -14.18 0.65
N ALA A 140 5.67 -13.28 0.06
CA ALA A 140 4.59 -13.66 -0.90
C ALA A 140 5.14 -14.54 -2.04
N PHE A 141 6.34 -14.29 -2.57
CA PHE A 141 6.89 -15.06 -3.72
C PHE A 141 8.09 -15.92 -3.29
N ASP A 142 8.13 -16.34 -2.04
CA ASP A 142 9.32 -17.05 -1.46
C ASP A 142 9.63 -18.26 -2.35
N GLU A 143 8.62 -19.07 -2.71
CA GLU A 143 8.82 -20.36 -3.42
C GLU A 143 9.49 -20.10 -4.77
N TRP A 144 9.01 -19.10 -5.51
CA TRP A 144 9.58 -18.70 -6.82
C TRP A 144 11.02 -18.16 -6.66
N LEU A 145 11.26 -17.33 -5.64
CA LEU A 145 12.54 -16.60 -5.44
C LEU A 145 13.60 -17.54 -4.87
N ALA A 146 13.21 -18.49 -4.01
CA ALA A 146 14.15 -19.31 -3.18
C ALA A 146 14.96 -20.26 -4.07
N GLY A 147 14.33 -20.98 -5.00
CA GLY A 147 14.99 -22.14 -5.65
C GLY A 147 15.12 -23.31 -4.67
N VAL A 148 16.23 -24.06 -4.71
CA VAL A 148 16.34 -25.36 -3.98
C VAL A 148 17.74 -25.56 -3.41
N PRO A 149 17.87 -25.74 -2.08
CA PRO A 149 19.20 -25.89 -1.47
C PRO A 149 19.80 -27.22 -1.93
N GLY A 150 21.09 -27.22 -2.25
CA GLY A 150 21.85 -28.42 -2.66
C GLY A 150 22.06 -29.39 -1.49
N ALA A 172 22.14 -27.80 -6.11
CA ALA A 172 21.47 -26.52 -5.77
C ALA A 172 21.06 -25.78 -7.06
N LYS A 173 19.78 -25.41 -7.18
CA LYS A 173 19.23 -24.66 -8.35
C LYS A 173 18.87 -23.23 -7.92
N PRO A 174 19.30 -22.21 -8.69
CA PRO A 174 19.03 -20.81 -8.35
C PRO A 174 17.52 -20.50 -8.40
N GLY A 175 17.05 -19.59 -7.53
CA GLY A 175 15.71 -18.99 -7.60
C GLY A 175 15.53 -18.22 -8.90
N LYS A 176 14.31 -17.79 -9.22
CA LYS A 176 13.99 -17.13 -10.53
C LYS A 176 13.82 -15.62 -10.31
N THR A 177 14.14 -14.85 -11.34
CA THR A 177 13.94 -13.38 -11.43
C THR A 177 12.44 -13.05 -11.31
N LEU A 178 12.11 -12.02 -10.56
CA LEU A 178 10.74 -11.49 -10.49
C LEU A 178 10.77 -9.99 -10.81
N ALA A 179 10.03 -9.59 -11.82
CA ALA A 179 9.83 -8.17 -12.16
C ALA A 179 8.51 -7.70 -11.50
N LEU A 180 8.60 -6.78 -10.56
CA LEU A 180 7.40 -6.19 -9.94
C LEU A 180 6.70 -5.26 -10.93
N SER A 181 5.45 -4.94 -10.60
CA SER A 181 4.62 -3.91 -11.28
C SER A 181 5.15 -2.52 -10.90
N ILE A 182 5.79 -2.39 -9.73
CA ILE A 182 6.29 -1.09 -9.21
C ILE A 182 7.19 -0.41 -10.25
N ASP A 183 7.00 0.88 -10.52
CA ASP A 183 7.95 1.75 -11.28
C ASP A 183 8.77 2.54 -10.27
N LEU A 184 10.07 2.26 -10.13
CA LEU A 184 10.91 2.87 -9.08
C LEU A 184 10.88 4.42 -9.21
N ARG A 185 10.69 4.94 -10.41
CA ARG A 185 10.63 6.40 -10.65
C ARG A 185 9.37 6.95 -9.99
N LEU A 186 8.20 6.29 -10.15
CA LEU A 186 6.95 6.76 -9.51
C LEU A 186 7.05 6.54 -8.01
N GLN A 187 7.70 5.45 -7.59
CA GLN A 187 7.83 5.06 -6.17
C GLN A 187 8.67 6.13 -5.48
N TYR A 188 9.77 6.56 -6.10
CA TYR A 188 10.62 7.61 -5.47
C TYR A 188 9.79 8.89 -5.28
N LEU A 189 9.04 9.31 -6.32
CA LEU A 189 8.18 10.51 -6.23
C LEU A 189 7.16 10.35 -5.10
N ALA A 190 6.44 9.22 -5.09
CA ALA A 190 5.38 8.99 -4.10
C ALA A 190 6.03 9.00 -2.72
N HIS A 191 7.16 8.34 -2.55
CA HIS A 191 7.85 8.26 -1.23
C HIS A 191 8.22 9.66 -0.72
N ARG A 192 8.80 10.48 -1.59
CA ARG A 192 9.27 11.83 -1.22
C ARG A 192 8.07 12.69 -0.83
N GLU A 193 6.99 12.68 -1.62
CA GLU A 193 5.83 13.58 -1.41
C GLU A 193 5.08 13.12 -0.16
N LEU A 194 4.95 11.82 0.08
CA LEU A 194 4.24 11.37 1.30
C LEU A 194 5.08 11.74 2.54
N ARG A 195 6.40 11.56 2.49
CA ARG A 195 7.32 11.97 3.59
C ARG A 195 7.11 13.46 3.91
N ASN A 196 7.28 14.33 2.92
CA ASN A 196 7.14 15.81 3.03
C ASN A 196 5.77 16.20 3.61
N ALA A 197 4.69 15.53 3.18
CA ALA A 197 3.32 15.81 3.66
C ALA A 197 3.20 15.40 5.14
N LEU A 198 3.79 14.28 5.55
CA LEU A 198 3.75 13.86 6.97
C LEU A 198 4.41 14.91 7.85
N LEU A 199 5.56 15.42 7.40
CA LEU A 199 6.38 16.42 8.16
C LEU A 199 5.64 17.76 8.16
N GLU A 200 5.09 18.18 7.05
CA GLU A 200 4.36 19.45 6.94
C GLU A 200 3.09 19.40 7.82
N ASN A 201 2.56 18.21 8.10
CA ASN A 201 1.24 18.04 8.76
C ASN A 201 1.45 17.55 10.18
N GLY A 202 2.68 17.26 10.57
CA GLY A 202 2.97 16.56 11.83
C GLY A 202 2.10 15.34 12.03
N ALA A 203 1.97 14.49 10.99
CA ALA A 203 1.06 13.32 11.01
C ALA A 203 1.77 12.11 11.60
N LYS A 204 0.99 11.14 12.08
CA LYS A 204 1.57 9.91 12.68
C LYS A 204 2.06 8.96 11.58
N ALA A 205 1.33 8.82 10.48
CA ALA A 205 1.56 7.72 9.52
C ALA A 205 0.83 8.10 8.23
N GLY A 206 1.14 7.41 7.14
CA GLY A 206 0.44 7.64 5.87
C GLY A 206 0.69 6.52 4.91
N SER A 207 -0.14 6.45 3.88
CA SER A 207 -0.02 5.46 2.78
C SER A 207 -0.32 6.21 1.50
N LEU A 208 0.26 5.73 0.42
CA LEU A 208 -0.09 6.23 -0.92
C LEU A 208 0.04 5.05 -1.87
N VAL A 209 -0.98 4.81 -2.67
CA VAL A 209 -1.01 3.75 -3.69
C VAL A 209 -1.31 4.41 -5.01
N ILE A 210 -0.55 4.04 -6.03
CA ILE A 210 -0.83 4.40 -7.44
C ILE A 210 -1.09 3.10 -8.20
N MET A 211 -2.15 3.08 -8.98
CA MET A 211 -2.49 1.89 -9.79
C MET A 211 -2.63 2.29 -11.26
N ASP A 212 -2.27 1.39 -12.15
CA ASP A 212 -2.58 1.49 -13.58
C ASP A 212 -4.01 1.01 -13.74
N VAL A 213 -4.89 1.88 -14.17
CA VAL A 213 -6.32 1.50 -14.22
C VAL A 213 -6.58 0.53 -15.37
N LYS A 214 -5.74 0.50 -16.40
CA LYS A 214 -5.90 -0.37 -17.59
C LYS A 214 -5.38 -1.80 -17.38
N THR A 215 -4.41 -2.02 -16.49
CA THR A 215 -3.68 -3.32 -16.38
C THR A 215 -3.82 -3.99 -15.00
N GLY A 216 -4.36 -3.30 -14.01
CA GLY A 216 -4.43 -3.69 -12.59
C GLY A 216 -3.08 -3.62 -11.86
N GLU A 217 -2.03 -3.09 -12.47
CA GLU A 217 -0.69 -3.04 -11.83
C GLU A 217 -0.64 -2.01 -10.70
N ILE A 218 -0.01 -2.38 -9.61
CA ILE A 218 0.43 -1.46 -8.54
C ILE A 218 1.74 -0.78 -9.01
N LEU A 219 1.68 0.50 -9.35
CA LEU A 219 2.87 1.21 -9.89
C LEU A 219 3.68 1.82 -8.73
N ALA A 220 3.02 2.14 -7.63
CA ALA A 220 3.69 2.64 -6.41
C ALA A 220 2.86 2.24 -5.21
N MET A 221 3.55 1.90 -4.15
CA MET A 221 2.93 1.64 -2.84
C MET A 221 3.94 2.07 -1.78
N THR A 222 3.65 3.14 -1.07
CA THR A 222 4.56 3.72 -0.05
C THR A 222 3.80 3.98 1.25
N ASN A 223 4.50 3.87 2.36
CA ASN A 223 3.94 4.12 3.71
C ASN A 223 4.99 4.89 4.50
N GLN A 224 4.51 5.68 5.45
CA GLN A 224 5.29 6.28 6.53
C GLN A 224 4.66 5.86 7.84
N PRO A 225 5.44 5.53 8.89
CA PRO A 225 6.91 5.51 8.82
C PRO A 225 7.46 4.31 8.01
N THR A 226 8.72 4.43 7.60
CA THR A 226 9.44 3.39 6.82
C THR A 226 10.72 3.03 7.58
N TYR A 227 11.48 2.08 7.05
CA TYR A 227 12.71 1.55 7.70
C TYR A 227 13.70 1.25 6.58
N ASN A 228 14.96 1.17 6.94
CA ASN A 228 16.03 0.75 6.01
C ASN A 228 16.23 -0.74 6.18
N PRO A 229 15.84 -1.54 5.17
CA PRO A 229 15.91 -2.99 5.33
C PRO A 229 17.34 -3.56 5.24
N ASN A 230 18.31 -2.74 4.94
CA ASN A 230 19.74 -3.15 4.92
C ASN A 230 20.33 -3.04 6.33
N ASN A 231 19.63 -2.41 7.26
CA ASN A 231 20.10 -2.18 8.66
C ASN A 231 18.90 -2.36 9.59
N ARG A 232 18.51 -3.58 9.88
CA ARG A 232 17.40 -3.86 10.82
C ARG A 232 18.03 -4.08 12.21
N ARG A 233 17.68 -3.19 13.15
CA ARG A 233 18.36 -2.97 14.45
C ARG A 233 17.86 -1.65 15.06
N GLN A 236 12.06 -0.74 14.60
CA GLN A 236 10.69 -0.72 15.17
C GLN A 236 9.73 -1.57 14.33
N PRO A 237 9.07 -2.58 14.94
CA PRO A 237 7.93 -3.26 14.32
C PRO A 237 6.91 -2.33 13.63
N ALA A 238 6.55 -1.21 14.27
CA ALA A 238 5.64 -0.16 13.74
C ALA A 238 6.10 0.28 12.34
N ALA A 239 7.41 0.54 12.16
CA ALA A 239 8.01 1.10 10.93
C ALA A 239 8.00 0.03 9.82
N MET A 240 7.81 -1.24 10.16
CA MET A 240 7.90 -2.34 9.18
C MET A 240 6.51 -2.70 8.64
N ARG A 241 5.45 -2.08 9.13
CA ARG A 241 4.04 -2.41 8.73
C ARG A 241 3.75 -1.82 7.35
N ASN A 242 3.43 -2.68 6.38
CA ASN A 242 2.92 -2.24 5.06
C ASN A 242 1.49 -1.78 5.29
N ARG A 243 1.31 -0.54 5.76
CA ARG A 243 -0.04 -0.05 6.20
C ARG A 243 -1.04 -0.07 5.03
N ALA A 244 -0.58 0.18 3.80
CA ALA A 244 -1.45 0.17 2.59
C ALA A 244 -2.16 -1.18 2.43
N MET A 245 -1.60 -2.28 2.95
CA MET A 245 -2.14 -3.65 2.79
C MET A 245 -2.60 -4.29 4.10
N ILE A 246 -2.08 -3.87 5.24
CA ILE A 246 -2.39 -4.63 6.49
C ILE A 246 -3.11 -3.74 7.50
N ASP A 247 -3.31 -2.45 7.24
CA ASP A 247 -4.04 -1.55 8.18
C ASP A 247 -5.42 -1.25 7.56
N VAL A 248 -6.48 -1.34 8.34
CA VAL A 248 -7.86 -1.08 7.81
C VAL A 248 -8.29 0.25 8.38
N PHE A 249 -9.16 0.96 7.70
CA PHE A 249 -9.66 2.28 8.14
C PHE A 249 -11.05 2.45 7.55
N GLU A 250 -11.81 3.38 8.10
CA GLU A 250 -13.13 3.76 7.55
C GLU A 250 -12.88 4.67 6.36
N PRO A 251 -13.38 4.34 5.16
CA PRO A 251 -13.04 5.10 3.98
C PRO A 251 -13.77 6.44 3.98
N GLY A 252 -14.79 6.54 4.82
CA GLY A 252 -15.68 7.72 4.87
C GLY A 252 -16.18 8.14 3.49
N SER A 253 -16.14 9.42 3.22
CA SER A 253 -16.82 10.05 2.07
C SER A 253 -16.19 9.66 0.73
N THR A 254 -15.02 9.04 0.70
CA THR A 254 -14.43 8.46 -0.56
C THR A 254 -15.31 7.35 -1.14
N VAL A 255 -16.32 6.84 -0.42
CA VAL A 255 -17.23 5.81 -0.99
C VAL A 255 -18.46 6.45 -1.60
N LYS A 256 -18.65 7.77 -1.46
CA LYS A 256 -19.88 8.42 -1.98
C LYS A 256 -20.00 8.19 -3.48
N PRO A 257 -18.90 8.16 -4.28
CA PRO A 257 -19.02 7.91 -5.72
C PRO A 257 -19.68 6.56 -6.01
N PHE A 258 -19.55 5.60 -5.10
CA PHE A 258 -20.12 4.23 -5.26
C PHE A 258 -21.60 4.27 -4.90
N SER A 259 -21.98 4.99 -3.83
CA SER A 259 -23.40 5.30 -3.51
C SER A 259 -24.06 5.97 -4.71
N MET A 260 -23.39 6.92 -5.35
CA MET A 260 -23.94 7.64 -6.52
C MET A 260 -24.05 6.68 -7.70
N SER A 261 -23.10 5.78 -7.87
CA SER A 261 -23.15 4.77 -8.97
C SER A 261 -24.44 3.96 -8.82
N ALA A 262 -24.72 3.50 -7.61
CA ALA A 262 -25.97 2.76 -7.31
C ALA A 262 -27.18 3.65 -7.62
N ALA A 263 -27.15 4.96 -7.29
CA ALA A 263 -28.30 5.85 -7.52
C ALA A 263 -28.56 5.95 -9.03
N LEU A 264 -27.48 6.15 -9.80
CA LEU A 264 -27.63 6.35 -11.26
C LEU A 264 -28.06 5.05 -11.94
N ALA A 265 -27.73 3.88 -11.39
CA ALA A 265 -28.04 2.57 -11.99
C ALA A 265 -29.44 2.15 -11.56
N SER A 266 -30.06 2.80 -10.58
CA SER A 266 -31.38 2.39 -10.01
C SER A 266 -32.47 2.78 -11.01
N GLY A 267 -32.18 3.75 -11.87
CA GLY A 267 -33.13 4.33 -12.82
C GLY A 267 -33.95 5.46 -12.22
N ARG A 268 -33.72 5.81 -10.95
CA ARG A 268 -34.53 6.79 -10.20
C ARG A 268 -33.81 8.14 -10.08
N TRP A 269 -32.55 8.23 -10.52
CA TRP A 269 -31.72 9.45 -10.26
C TRP A 269 -30.96 9.84 -11.53
N LYS A 270 -30.91 11.12 -11.85
CA LYS A 270 -29.93 11.66 -12.84
C LYS A 270 -29.16 12.77 -12.17
N PRO A 271 -27.97 13.17 -12.72
CA PRO A 271 -27.13 14.16 -12.05
C PRO A 271 -27.84 15.49 -11.75
N SER A 272 -28.76 15.94 -12.60
CA SER A 272 -29.43 17.26 -12.44
C SER A 272 -30.60 17.14 -11.45
N ASP A 273 -30.97 15.94 -10.99
CA ASP A 273 -31.98 15.82 -9.90
C ASP A 273 -31.51 16.59 -8.66
N ILE A 274 -32.44 17.06 -7.88
CA ILE A 274 -32.22 17.89 -6.66
C ILE A 274 -32.57 17.08 -5.41
N VAL A 275 -31.82 17.32 -4.34
CA VAL A 275 -32.12 16.88 -2.97
C VAL A 275 -32.13 18.11 -2.05
N ASP A 276 -33.16 18.19 -1.21
CA ASP A 276 -33.29 19.24 -0.17
C ASP A 276 -32.55 18.73 1.08
N VAL A 277 -31.43 19.35 1.39
CA VAL A 277 -30.55 18.92 2.51
C VAL A 277 -30.72 19.92 3.66
N TYR A 278 -31.61 20.90 3.55
CA TYR A 278 -31.86 21.84 4.68
C TYR A 278 -32.41 21.07 5.90
N PRO A 279 -32.03 21.36 7.17
CA PRO A 279 -31.07 22.40 7.54
C PRO A 279 -29.63 21.91 7.78
N GLY A 280 -29.17 20.90 7.04
CA GLY A 280 -27.77 20.43 7.20
C GLY A 280 -27.71 19.31 8.22
N THR A 281 -28.84 18.87 8.74
CA THR A 281 -28.90 17.74 9.69
C THR A 281 -30.16 16.93 9.37
N LEU A 282 -30.16 15.68 9.79
CA LEU A 282 -31.35 14.82 9.64
C LEU A 282 -31.39 13.81 10.78
N GLN A 283 -32.49 13.75 11.51
CA GLN A 283 -32.68 12.83 12.67
C GLN A 283 -33.22 11.48 12.18
N ILE A 284 -32.59 10.38 12.56
CA ILE A 284 -33.05 8.96 12.39
C ILE A 284 -33.03 8.31 13.77
N GLY A 285 -34.20 8.11 14.38
CA GLY A 285 -34.34 7.73 15.81
C GLY A 285 -33.34 8.49 16.68
N ARG A 286 -32.39 7.77 17.27
CA ARG A 286 -31.37 8.29 18.23
C ARG A 286 -30.22 8.96 17.46
N TYR A 287 -30.02 8.62 16.19
CA TYR A 287 -28.85 9.05 15.40
C TYR A 287 -29.17 10.38 14.70
N THR A 288 -28.18 11.26 14.61
CA THR A 288 -28.28 12.53 13.86
C THR A 288 -27.25 12.50 12.74
N ILE A 289 -27.69 12.58 11.49
CA ILE A 289 -26.76 12.77 10.34
C ILE A 289 -26.46 14.26 10.25
N ARG A 290 -25.21 14.63 10.02
CA ARG A 290 -24.77 16.04 10.07
C ARG A 290 -23.89 16.30 8.85
N ASP A 291 -24.04 17.47 8.23
CA ASP A 291 -23.09 18.04 7.24
C ASP A 291 -22.16 19.01 7.99
N VAL A 292 -20.92 19.14 7.58
CA VAL A 292 -20.01 20.17 8.15
C VAL A 292 -20.47 21.57 7.72
N SER A 293 -20.82 21.74 6.45
CA SER A 293 -21.32 23.02 5.91
C SER A 293 -22.84 22.89 5.84
N ARG A 294 -23.58 23.77 6.53
CA ARG A 294 -25.06 23.64 6.62
C ARG A 294 -25.69 24.94 6.10
N ASN A 295 -25.23 25.46 4.96
CA ASN A 295 -25.85 26.64 4.32
C ASN A 295 -26.42 26.25 2.95
N SER A 296 -27.06 25.09 2.87
CA SER A 296 -27.63 24.51 1.63
C SER A 296 -29.09 24.16 1.82
N ARG A 297 -29.87 24.25 0.73
CA ARG A 297 -31.19 23.63 0.66
C ARG A 297 -31.17 22.66 -0.51
N GLN A 298 -31.45 23.14 -1.72
CA GLN A 298 -31.47 22.27 -2.91
C GLN A 298 -30.03 22.11 -3.41
N LEU A 299 -29.61 20.85 -3.56
CA LEU A 299 -28.30 20.48 -4.15
C LEU A 299 -28.56 19.47 -5.25
N ASP A 300 -27.92 19.64 -6.42
CA ASP A 300 -27.95 18.57 -7.45
C ASP A 300 -26.94 17.50 -7.03
N LEU A 301 -26.96 16.35 -7.68
CA LEU A 301 -26.13 15.20 -7.23
C LEU A 301 -24.66 15.61 -7.20
N THR A 302 -24.16 16.35 -8.19
CA THR A 302 -22.75 16.84 -8.16
C THR A 302 -22.49 17.73 -6.94
N GLY A 303 -23.44 18.61 -6.59
CA GLY A 303 -23.31 19.50 -5.43
C GLY A 303 -23.26 18.73 -4.12
N ILE A 304 -23.96 17.62 -4.04
CA ILE A 304 -23.88 16.73 -2.84
C ILE A 304 -22.45 16.27 -2.64
N LEU A 305 -21.77 15.90 -3.72
CA LEU A 305 -20.33 15.50 -3.67
C LEU A 305 -19.44 16.73 -3.39
N ILE A 306 -19.68 17.88 -4.03
CA ILE A 306 -18.79 19.07 -3.85
C ILE A 306 -18.86 19.53 -2.40
N LYS A 307 -20.05 19.57 -1.80
CA LYS A 307 -20.28 20.07 -0.43
C LYS A 307 -20.13 18.95 0.61
N SER A 308 -19.70 17.74 0.24
CA SER A 308 -19.75 16.44 1.00
CA SER A 308 -19.59 16.65 1.23
C SER A 308 -20.90 16.47 2.02
N SER A 309 -22.10 16.49 1.44
CA SER A 309 -23.37 16.39 2.19
C SER A 309 -23.71 14.93 2.50
N ASN A 310 -23.49 14.53 3.74
CA ASN A 310 -24.00 13.26 4.31
C ASN A 310 -25.53 13.20 4.29
N VAL A 311 -26.18 14.31 4.58
CA VAL A 311 -27.67 14.42 4.48
C VAL A 311 -28.13 14.08 3.06
N GLY A 312 -27.51 14.69 2.05
CA GLY A 312 -27.93 14.48 0.65
C GLY A 312 -27.75 13.03 0.23
N ILE A 313 -26.60 12.41 0.55
CA ILE A 313 -26.34 11.01 0.11
C ILE A 313 -27.26 10.08 0.91
N SER A 314 -27.56 10.42 2.16
CA SER A 314 -28.46 9.60 3.01
C SER A 314 -29.85 9.57 2.42
N LYS A 315 -30.38 10.72 1.99
CA LYS A 315 -31.72 10.79 1.38
C LYS A 315 -31.75 9.98 0.08
N ILE A 316 -30.70 10.04 -0.73
CA ILE A 316 -30.67 9.19 -1.97
C ILE A 316 -30.66 7.72 -1.56
N ALA A 317 -29.85 7.37 -0.57
CA ALA A 317 -29.73 6.00 -0.05
C ALA A 317 -31.10 5.48 0.41
N PHE A 318 -31.87 6.28 1.14
CA PHE A 318 -33.24 5.89 1.60
C PHE A 318 -34.14 5.56 0.41
N ASP A 319 -34.04 6.35 -0.65
CA ASP A 319 -34.87 6.19 -1.85
C ASP A 319 -34.48 4.90 -2.61
N ILE A 320 -33.19 4.59 -2.78
CA ILE A 320 -32.74 3.48 -3.67
C ILE A 320 -32.58 2.17 -2.89
N GLY A 321 -32.43 2.24 -1.55
CA GLY A 321 -32.19 1.06 -0.70
C GLY A 321 -30.69 0.75 -0.56
N ALA A 322 -30.29 0.33 0.63
CA ALA A 322 -28.89 -0.01 0.98
C ALA A 322 -28.44 -1.20 0.12
N GLU A 323 -29.35 -2.11 -0.26
CA GLU A 323 -28.99 -3.34 -1.01
C GLU A 323 -28.19 -2.95 -2.26
N SER A 324 -28.67 -1.99 -3.03
CA SER A 324 -28.06 -1.55 -4.30
C SER A 324 -26.67 -0.99 -4.00
N ILE A 325 -26.53 -0.27 -2.90
CA ILE A 325 -25.24 0.39 -2.57
C ILE A 325 -24.25 -0.69 -2.14
N TYR A 326 -24.71 -1.60 -1.28
CA TYR A 326 -23.88 -2.71 -0.78
C TYR A 326 -23.30 -3.48 -1.98
N SER A 327 -24.15 -3.75 -2.96
CA SER A 327 -23.81 -4.55 -4.16
CA SER A 327 -23.78 -4.57 -4.14
C SER A 327 -22.70 -3.88 -4.97
N VAL A 328 -22.81 -2.57 -5.18
CA VAL A 328 -21.75 -1.80 -5.87
C VAL A 328 -20.47 -1.93 -5.04
N MET A 329 -20.54 -1.64 -3.75
CA MET A 329 -19.32 -1.63 -2.93
C MET A 329 -18.66 -3.01 -2.91
N GLN A 330 -19.45 -4.08 -2.81
CA GLN A 330 -18.91 -5.47 -2.81
CA GLN A 330 -18.95 -5.49 -2.84
C GLN A 330 -18.27 -5.74 -4.19
N GLN A 331 -18.92 -5.33 -5.26
CA GLN A 331 -18.47 -5.65 -6.64
C GLN A 331 -17.16 -4.92 -6.94
N VAL A 332 -16.96 -3.71 -6.42
CA VAL A 332 -15.67 -3.00 -6.71
C VAL A 332 -14.56 -3.51 -5.77
N GLY A 333 -14.89 -4.36 -4.79
CA GLY A 333 -13.92 -5.02 -3.89
C GLY A 333 -13.70 -4.39 -2.53
N LEU A 334 -14.53 -3.45 -2.07
CA LEU A 334 -14.37 -2.85 -0.71
C LEU A 334 -14.69 -3.94 0.33
N GLY A 335 -13.80 -4.12 1.31
CA GLY A 335 -13.92 -5.19 2.32
C GLY A 335 -13.92 -6.58 1.71
N GLN A 336 -13.32 -6.77 0.52
CA GLN A 336 -13.23 -8.11 -0.13
C GLN A 336 -11.76 -8.50 -0.36
N ASP A 337 -11.50 -9.79 -0.39
CA ASP A 337 -10.15 -10.38 -0.66
C ASP A 337 -9.59 -9.80 -1.97
N THR A 338 -8.36 -9.28 -1.97
CA THR A 338 -7.76 -8.72 -3.20
C THR A 338 -7.24 -9.83 -4.11
N GLY A 339 -7.09 -11.05 -3.57
CA GLY A 339 -6.44 -12.18 -4.27
C GLY A 339 -4.93 -12.01 -4.39
N LEU A 340 -4.29 -11.03 -3.72
CA LEU A 340 -2.83 -10.78 -3.83
C LEU A 340 -2.00 -11.82 -3.07
N GLY A 341 -2.54 -12.45 -2.03
CA GLY A 341 -1.85 -13.51 -1.26
C GLY A 341 -0.58 -13.00 -0.56
N PHE A 342 -0.66 -11.83 0.07
CA PHE A 342 0.34 -11.35 1.05
C PHE A 342 -0.13 -11.82 2.42
N PRO A 343 0.49 -12.85 3.05
CA PRO A 343 0.08 -13.24 4.41
C PRO A 343 0.02 -11.98 5.29
N GLY A 344 -0.99 -11.89 6.15
CA GLY A 344 -1.22 -10.71 7.00
C GLY A 344 -1.98 -9.59 6.29
N GLU A 345 -2.19 -9.66 4.98
CA GLU A 345 -3.06 -8.69 4.26
C GLU A 345 -4.44 -8.69 4.91
N ARG A 346 -5.02 -7.53 5.18
CA ARG A 346 -6.37 -7.43 5.81
C ARG A 346 -7.44 -7.44 4.72
N VAL A 347 -8.62 -7.98 5.05
CA VAL A 347 -9.81 -8.03 4.14
C VAL A 347 -10.75 -6.88 4.51
N GLY A 348 -10.73 -6.47 5.78
CA GLY A 348 -11.62 -5.47 6.35
C GLY A 348 -13.03 -6.03 6.43
N ASN A 349 -14.03 -5.17 6.28
CA ASN A 349 -15.43 -5.59 6.48
C ASN A 349 -16.39 -4.56 5.88
N LEU A 350 -17.35 -5.07 5.16
CA LEU A 350 -18.48 -4.31 4.58
C LEU A 350 -19.69 -4.80 5.36
N PRO A 351 -20.38 -3.96 6.18
CA PRO A 351 -21.56 -4.44 6.93
C PRO A 351 -22.65 -4.96 5.96
N ASN A 352 -23.39 -6.01 6.33
CA ASN A 352 -24.50 -6.51 5.48
C ASN A 352 -25.71 -6.86 6.34
N HIS A 353 -26.90 -6.68 5.78
CA HIS A 353 -28.19 -6.97 6.44
C HIS A 353 -29.11 -7.62 5.41
N ARG A 354 -30.06 -8.41 5.89
CA ARG A 354 -31.24 -8.84 5.14
C ARG A 354 -32.17 -7.62 5.03
N LYS A 355 -32.52 -7.03 6.17
CA LYS A 355 -33.36 -5.82 6.29
C LYS A 355 -32.46 -4.72 6.84
N TRP A 356 -32.13 -3.71 6.04
CA TRP A 356 -31.26 -2.59 6.48
C TRP A 356 -32.08 -1.65 7.35
N PRO A 357 -31.72 -1.40 8.61
CA PRO A 357 -32.32 -0.27 9.33
C PRO A 357 -31.88 1.05 8.67
N LYS A 358 -32.71 2.10 8.86
CA LYS A 358 -32.48 3.43 8.21
C LYS A 358 -31.10 3.99 8.59
N ALA A 359 -30.69 3.99 9.87
CA ALA A 359 -29.39 4.57 10.28
C ALA A 359 -28.24 3.85 9.56
N GLU A 360 -28.32 2.53 9.38
CA GLU A 360 -27.23 1.74 8.76
C GLU A 360 -27.20 2.04 7.25
N THR A 361 -28.36 2.33 6.66
CA THR A 361 -28.51 2.70 5.23
C THR A 361 -27.75 4.01 4.97
N ALA A 362 -27.95 5.02 5.81
CA ALA A 362 -27.26 6.35 5.75
C ALA A 362 -25.76 6.17 5.95
N THR A 363 -25.33 5.47 6.99
CA THR A 363 -23.90 5.39 7.36
C THR A 363 -23.12 4.58 6.32
N LEU A 364 -23.69 3.52 5.75
CA LEU A 364 -23.06 2.81 4.60
C LEU A 364 -22.78 3.80 3.45
N ALA A 365 -23.75 4.64 3.10
CA ALA A 365 -23.65 5.52 1.91
C ALA A 365 -22.56 6.59 2.08
N TYR A 366 -22.19 7.00 3.30
CA TYR A 366 -21.07 7.95 3.51
C TYR A 366 -19.86 7.29 4.16
N GLY A 367 -19.80 5.96 4.16
CA GLY A 367 -18.56 5.22 4.43
C GLY A 367 -18.23 5.13 5.92
N TYR A 368 -19.23 5.26 6.76
CA TYR A 368 -19.08 5.15 8.22
C TYR A 368 -19.32 3.68 8.58
N GLY A 369 -18.42 3.08 9.36
CA GLY A 369 -18.60 1.71 9.91
C GLY A 369 -18.27 0.63 8.89
N LEU A 370 -17.61 1.03 7.78
CA LEU A 370 -16.86 0.17 6.82
C LEU A 370 -15.39 0.12 7.24
N SER A 371 -14.72 -0.96 6.91
CA SER A 371 -13.24 -1.11 7.08
C SER A 371 -12.67 -1.59 5.75
N VAL A 372 -11.79 -0.81 5.16
CA VAL A 372 -11.07 -1.11 3.89
C VAL A 372 -9.57 -0.82 4.05
N THR A 373 -8.79 -1.35 3.12
CA THR A 373 -7.35 -1.05 2.97
C THR A 373 -7.19 0.02 1.88
N ALA A 374 -6.07 0.68 1.88
CA ALA A 374 -5.72 1.66 0.82
C ALA A 374 -5.69 0.92 -0.51
N ILE A 375 -5.19 -0.32 -0.55
CA ILE A 375 -5.12 -1.11 -1.81
CA ILE A 375 -5.13 -1.07 -1.84
C ILE A 375 -6.54 -1.34 -2.36
N GLN A 376 -7.49 -1.72 -1.50
CA GLN A 376 -8.90 -1.93 -1.90
C GLN A 376 -9.49 -0.62 -2.43
N LEU A 377 -9.24 0.47 -1.74
CA LEU A 377 -9.88 1.73 -2.15
C LEU A 377 -9.35 2.14 -3.53
N ALA A 378 -8.06 2.01 -3.74
CA ALA A 378 -7.43 2.36 -5.03
C ALA A 378 -7.97 1.41 -6.13
N HIS A 379 -8.12 0.13 -5.84
CA HIS A 379 -8.68 -0.86 -6.81
C HIS A 379 -10.10 -0.47 -7.25
N ALA A 380 -10.92 -0.03 -6.30
CA ALA A 380 -12.32 0.42 -6.52
C ALA A 380 -12.30 1.65 -7.41
N TYR A 381 -11.43 2.62 -7.12
CA TYR A 381 -11.29 3.84 -7.95
C TYR A 381 -10.77 3.48 -9.34
N ALA A 382 -9.92 2.47 -9.44
CA ALA A 382 -9.39 2.03 -10.76
C ALA A 382 -10.54 1.49 -11.61
N ALA A 383 -11.46 0.71 -11.01
CA ALA A 383 -12.64 0.17 -11.73
C ALA A 383 -13.52 1.30 -12.26
N LEU A 384 -13.84 2.28 -11.41
CA LEU A 384 -14.60 3.47 -11.82
C LEU A 384 -13.91 4.18 -12.98
N ALA A 385 -12.59 4.35 -12.91
CA ALA A 385 -11.79 5.13 -13.87
C ALA A 385 -11.73 4.34 -15.19
N ASN A 386 -11.73 3.02 -15.12
CA ASN A 386 -11.57 2.11 -16.28
C ASN A 386 -12.96 1.83 -16.85
N ASP A 387 -13.80 2.87 -16.93
CA ASP A 387 -15.21 2.82 -17.41
C ASP A 387 -15.99 1.65 -16.77
N GLY A 388 -15.78 1.38 -15.50
CA GLY A 388 -16.59 0.40 -14.73
C GLY A 388 -16.09 -1.03 -14.84
N LYS A 389 -14.96 -1.24 -15.51
CA LYS A 389 -14.32 -2.57 -15.63
C LYS A 389 -13.18 -2.73 -14.62
N SER A 390 -13.28 -3.73 -13.77
CA SER A 390 -12.27 -4.10 -12.74
C SER A 390 -11.28 -5.10 -13.33
N VAL A 391 -10.00 -4.72 -13.49
CA VAL A 391 -8.90 -5.61 -13.93
C VAL A 391 -8.26 -6.13 -12.67
N PRO A 392 -8.00 -7.45 -12.51
CA PRO A 392 -7.45 -7.97 -11.27
C PRO A 392 -6.11 -7.30 -10.89
N LEU A 393 -5.94 -7.05 -9.60
CA LEU A 393 -4.76 -6.39 -9.01
C LEU A 393 -3.54 -7.26 -9.22
N SER A 394 -2.40 -6.67 -9.50
CA SER A 394 -1.13 -7.39 -9.64
C SER A 394 0.00 -6.56 -8.99
N MET A 395 0.87 -7.26 -8.25
CA MET A 395 2.15 -6.68 -7.76
C MET A 395 3.30 -7.06 -8.68
N THR A 396 3.05 -7.86 -9.70
CA THR A 396 4.08 -8.25 -10.68
C THR A 396 3.76 -7.60 -12.02
N ARG A 397 4.80 -7.36 -12.80
CA ARG A 397 4.71 -6.73 -14.13
C ARG A 397 3.77 -7.56 -15.03
N VAL A 398 2.77 -6.91 -15.61
CA VAL A 398 1.74 -7.60 -16.41
C VAL A 398 2.09 -7.39 -17.88
N ASP A 399 2.36 -8.48 -18.63
CA ASP A 399 2.63 -8.43 -20.09
C ASP A 399 1.33 -8.69 -20.86
N ARG A 400 0.57 -9.70 -20.46
CA ARG A 400 -0.74 -10.08 -21.03
C ARG A 400 -1.81 -9.76 -20.01
N VAL A 401 -2.63 -8.75 -20.28
CA VAL A 401 -3.60 -8.23 -19.28
C VAL A 401 -4.76 -9.21 -19.22
N PRO A 402 -5.14 -9.72 -18.04
CA PRO A 402 -6.33 -10.56 -17.93
C PRO A 402 -7.61 -9.78 -18.27
N ASP A 403 -8.67 -10.48 -18.64
CA ASP A 403 -10.01 -9.87 -18.88
C ASP A 403 -10.50 -9.19 -17.60
N GLY A 404 -11.10 -8.00 -17.72
CA GLY A 404 -11.68 -7.30 -16.57
C GLY A 404 -13.12 -7.72 -16.42
N VAL A 405 -13.70 -7.52 -15.24
CA VAL A 405 -15.13 -7.80 -14.97
C VAL A 405 -15.86 -6.46 -15.03
N GLN A 406 -16.91 -6.31 -15.85
CA GLN A 406 -17.77 -5.10 -15.80
C GLN A 406 -18.50 -5.06 -14.45
N VAL A 407 -18.14 -4.17 -13.53
CA VAL A 407 -18.69 -4.17 -12.15
C VAL A 407 -19.71 -3.04 -12.06
N ILE A 408 -19.55 -1.99 -12.84
CA ILE A 408 -20.48 -0.84 -13.01
C ILE A 408 -20.69 -0.66 -14.51
N SER A 409 -21.89 -0.26 -14.94
CA SER A 409 -22.22 -0.09 -16.38
C SER A 409 -21.34 1.03 -16.94
N PRO A 410 -20.79 0.91 -18.17
CA PRO A 410 -19.89 1.95 -18.68
C PRO A 410 -20.56 3.32 -18.67
N GLU A 411 -21.86 3.39 -18.92
CA GLU A 411 -22.56 4.71 -18.98
C GLU A 411 -22.58 5.34 -17.56
N VAL A 412 -22.93 4.57 -16.53
CA VAL A 412 -22.92 5.07 -15.13
C VAL A 412 -21.48 5.48 -14.77
N ALA A 413 -20.50 4.63 -15.10
CA ALA A 413 -19.10 4.89 -14.72
C ALA A 413 -18.71 6.24 -15.33
N SER A 414 -19.04 6.44 -16.57
CA SER A 414 -18.66 7.66 -17.33
C SER A 414 -19.36 8.88 -16.71
N THR A 415 -20.62 8.74 -16.27
CA THR A 415 -21.35 9.85 -15.65
C THR A 415 -20.67 10.19 -14.31
N VAL A 416 -20.35 9.17 -13.49
CA VAL A 416 -19.68 9.41 -12.19
C VAL A 416 -18.29 10.04 -12.39
N GLN A 417 -17.54 9.63 -13.41
CA GLN A 417 -16.24 10.26 -13.71
C GLN A 417 -16.40 11.76 -13.92
N GLY A 418 -17.38 12.16 -14.71
CA GLY A 418 -17.62 13.57 -15.04
C GLY A 418 -18.00 14.34 -13.79
N MET A 419 -18.75 13.72 -12.88
CA MET A 419 -19.11 14.37 -11.59
C MET A 419 -17.87 14.58 -10.74
N LEU A 420 -16.99 13.58 -10.65
CA LEU A 420 -15.73 13.65 -9.87
C LEU A 420 -14.77 14.66 -10.52
N GLN A 421 -14.85 14.86 -11.82
CA GLN A 421 -14.06 15.93 -12.49
C GLN A 421 -14.60 17.30 -12.02
N GLN A 422 -15.92 17.45 -11.89
CA GLN A 422 -16.51 18.72 -11.37
C GLN A 422 -16.17 18.92 -9.89
N VAL A 423 -16.12 17.85 -9.11
CA VAL A 423 -15.70 17.96 -7.69
C VAL A 423 -14.34 18.66 -7.59
N VAL A 424 -13.42 18.35 -8.47
CA VAL A 424 -12.05 18.92 -8.46
C VAL A 424 -12.05 20.34 -9.10
N GLU A 425 -12.72 20.51 -10.23
CA GLU A 425 -12.60 21.72 -11.11
C GLU A 425 -13.68 22.76 -10.80
N ALA A 426 -14.84 22.39 -10.25
CA ALA A 426 -16.00 23.32 -10.14
C ALA A 426 -15.70 24.40 -9.08
N GLN A 427 -16.35 25.55 -9.22
CA GLN A 427 -16.28 26.64 -8.20
C GLN A 427 -16.77 26.06 -6.87
N GLY A 428 -16.01 26.24 -5.80
CA GLY A 428 -16.32 25.65 -4.48
C GLY A 428 -15.84 24.21 -4.35
N GLY A 429 -15.11 23.69 -5.35
CA GLY A 429 -14.64 22.29 -5.34
C GLY A 429 -13.35 22.09 -4.56
N VAL A 430 -12.74 20.93 -4.75
CA VAL A 430 -11.48 20.53 -4.05
C VAL A 430 -10.34 20.99 -4.95
N PHE A 431 -10.14 22.30 -5.01
CA PHE A 431 -9.23 22.94 -5.98
C PHE A 431 -7.78 22.50 -5.73
N ARG A 432 -7.42 22.13 -4.49
CA ARG A 432 -6.04 21.68 -4.17
C ARG A 432 -5.72 20.31 -4.82
N ALA A 433 -6.71 19.57 -5.34
CA ALA A 433 -6.48 18.32 -6.11
C ALA A 433 -6.22 18.62 -7.58
N GLN A 434 -6.42 19.87 -8.05
CA GLN A 434 -6.25 20.17 -9.49
C GLN A 434 -4.81 19.86 -9.93
N VAL A 435 -4.68 19.32 -11.12
CA VAL A 435 -3.38 18.84 -11.68
C VAL A 435 -3.10 19.67 -12.91
N PRO A 436 -2.30 20.75 -12.79
CA PRO A 436 -2.14 21.69 -13.89
C PRO A 436 -1.62 20.95 -15.13
N GLY A 437 -2.25 21.16 -16.27
CA GLY A 437 -1.98 20.46 -17.54
C GLY A 437 -3.07 19.47 -17.88
N TYR A 438 -3.80 18.96 -16.86
CA TYR A 438 -4.67 17.77 -17.00
C TYR A 438 -6.00 18.01 -16.28
N HIS A 439 -7.02 17.31 -16.75
CA HIS A 439 -8.34 17.17 -16.08
C HIS A 439 -8.19 16.03 -15.05
N ALA A 440 -8.22 16.34 -13.78
CA ALA A 440 -8.21 15.27 -12.75
C ALA A 440 -9.60 15.15 -12.12
N ALA A 441 -9.84 14.06 -11.42
CA ALA A 441 -11.17 13.71 -10.85
C ALA A 441 -10.90 13.01 -9.50
N GLY A 442 -11.72 13.27 -8.49
CA GLY A 442 -11.67 12.44 -7.29
C GLY A 442 -12.50 13.01 -6.19
N LYS A 443 -12.29 12.50 -4.99
CA LYS A 443 -13.20 12.73 -3.86
C LYS A 443 -12.35 12.73 -2.59
N SER A 444 -12.63 13.66 -1.70
CA SER A 444 -12.04 13.79 -0.36
C SER A 444 -12.84 12.92 0.61
N GLY A 445 -12.19 12.61 1.70
CA GLY A 445 -12.85 12.07 2.87
C GLY A 445 -12.13 12.55 4.10
N THR A 446 -12.87 12.62 5.19
CA THR A 446 -12.31 12.98 6.51
C THR A 446 -13.03 12.13 7.54
N ALA A 447 -12.31 11.32 8.30
CA ALA A 447 -12.87 10.44 9.34
C ALA A 447 -12.39 10.93 10.71
N ARG A 448 -13.32 11.02 11.67
CA ARG A 448 -13.02 11.25 13.10
C ARG A 448 -12.84 9.88 13.74
N LYS A 449 -11.66 9.59 14.28
CA LYS A 449 -11.31 8.25 14.83
C LYS A 449 -11.96 8.10 16.21
N VAL A 450 -12.31 6.85 16.57
CA VAL A 450 -12.79 6.44 17.93
C VAL A 450 -12.95 4.91 17.97
N ASN A 460 -9.69 14.82 19.82
CA ASN A 460 -10.25 14.54 18.46
C ASN A 460 -9.12 14.26 17.47
N ALA A 461 -9.00 13.01 17.03
CA ALA A 461 -7.99 12.59 16.02
C ALA A 461 -8.70 12.24 14.70
N TYR A 462 -8.06 12.57 13.58
CA TYR A 462 -8.62 12.47 12.21
C TYR A 462 -7.75 11.58 11.32
N ARG A 463 -8.38 11.06 10.27
CA ARG A 463 -7.73 10.51 9.07
C ARG A 463 -8.18 11.34 7.87
N SER A 464 -7.19 11.80 7.11
CA SER A 464 -7.39 12.62 5.89
C SER A 464 -7.21 11.75 4.64
N LEU A 465 -8.23 11.69 3.79
CA LEU A 465 -8.29 10.82 2.59
CA LEU A 465 -8.29 10.83 2.59
C LEU A 465 -8.49 11.65 1.31
N PHE A 466 -7.82 11.25 0.24
CA PHE A 466 -8.19 11.70 -1.10
C PHE A 466 -7.97 10.50 -2.04
N ALA A 467 -8.95 10.25 -2.89
CA ALA A 467 -8.89 9.18 -3.91
C ALA A 467 -9.32 9.77 -5.25
N GLY A 468 -8.57 9.49 -6.29
CA GLY A 468 -8.93 10.03 -7.60
C GLY A 468 -8.21 9.33 -8.73
N PHE A 469 -8.31 9.95 -9.92
CA PHE A 469 -7.70 9.39 -11.13
C PHE A 469 -7.53 10.53 -12.13
N ALA A 470 -6.72 10.26 -13.11
CA ALA A 470 -6.41 11.22 -14.18
C ALA A 470 -5.77 10.47 -15.33
N PRO A 471 -5.79 11.07 -16.54
CA PRO A 471 -6.61 12.25 -16.85
C PRO A 471 -8.07 11.85 -17.12
N ALA A 472 -9.03 12.74 -16.88
CA ALA A 472 -10.47 12.40 -16.96
C ALA A 472 -10.90 12.01 -18.38
N THR A 473 -10.24 12.45 -19.45
CA THR A 473 -10.74 12.21 -20.83
C THR A 473 -10.25 10.85 -21.36
N ASP A 474 -9.35 10.19 -20.66
CA ASP A 474 -9.00 8.75 -20.86
C ASP A 474 -8.13 8.36 -19.66
N PRO A 475 -8.72 8.01 -18.52
CA PRO A 475 -7.95 7.78 -17.29
C PRO A 475 -6.86 6.70 -17.43
N ARG A 476 -5.69 6.99 -16.85
CA ARG A 476 -4.51 6.09 -16.87
C ARG A 476 -4.19 5.62 -15.45
N ILE A 477 -4.30 6.52 -14.47
CA ILE A 477 -3.77 6.32 -13.09
CA ILE A 477 -3.85 6.17 -13.10
C ILE A 477 -4.90 6.58 -12.08
N ALA A 478 -5.03 5.72 -11.08
CA ALA A 478 -5.84 5.93 -9.86
C ALA A 478 -4.85 6.04 -8.70
N MET A 479 -5.16 6.87 -7.73
CA MET A 479 -4.28 7.08 -6.58
C MET A 479 -5.11 7.29 -5.32
N VAL A 480 -4.64 6.75 -4.21
CA VAL A 480 -5.23 6.98 -2.87
C VAL A 480 -4.13 7.56 -1.98
N VAL A 481 -4.45 8.64 -1.28
CA VAL A 481 -3.59 9.32 -0.26
C VAL A 481 -4.33 9.24 1.09
N VAL A 482 -3.74 8.55 2.06
CA VAL A 482 -4.27 8.40 3.44
C VAL A 482 -3.26 8.99 4.39
N ILE A 483 -3.61 10.06 5.12
CA ILE A 483 -2.72 10.63 6.17
C ILE A 483 -3.42 10.49 7.54
N ASP A 484 -2.73 9.80 8.45
CA ASP A 484 -3.24 9.40 9.78
C ASP A 484 -2.81 10.46 10.81
N GLU A 485 -3.81 11.06 11.44
CA GLU A 485 -3.68 12.03 12.56
C GLU A 485 -2.82 13.21 12.14
N PRO A 486 -3.24 14.02 11.15
CA PRO A 486 -2.58 15.29 10.90
C PRO A 486 -2.84 16.19 12.12
N SER A 487 -1.83 16.98 12.47
CA SER A 487 -1.71 17.68 13.79
C SER A 487 -1.64 19.20 13.64
N LYS A 488 -1.68 19.74 12.42
CA LYS A 488 -1.83 21.19 12.15
C LYS A 488 -3.32 21.52 11.95
N ALA A 489 -3.63 22.81 11.81
CA ALA A 489 -5.02 23.36 11.93
C ALA A 489 -5.94 22.61 10.95
N GLY A 490 -5.45 22.38 9.73
CA GLY A 490 -6.13 21.60 8.67
C GLY A 490 -6.07 20.11 8.95
N TYR A 491 -7.21 19.42 8.89
CA TYR A 491 -7.21 17.95 8.93
C TYR A 491 -8.16 17.38 7.86
N PHE A 492 -8.95 18.23 7.19
CA PHE A 492 -9.90 17.79 6.13
C PHE A 492 -9.11 17.18 4.97
N GLY A 493 -9.59 16.05 4.42
CA GLY A 493 -8.99 15.41 3.22
C GLY A 493 -8.66 16.40 2.11
N GLY A 494 -9.55 17.34 1.84
CA GLY A 494 -9.36 18.38 0.80
C GLY A 494 -8.20 19.32 1.05
N LEU A 495 -7.74 19.42 2.29
CA LEU A 495 -6.65 20.33 2.75
C LEU A 495 -5.33 19.57 2.78
N VAL A 496 -5.35 18.40 3.40
CA VAL A 496 -4.14 17.62 3.76
C VAL A 496 -3.77 16.66 2.62
N SER A 497 -4.70 15.86 2.12
CA SER A 497 -4.37 14.75 1.19
C SER A 497 -4.43 15.23 -0.27
N ALA A 498 -5.36 16.11 -0.61
CA ALA A 498 -5.62 16.57 -1.99
C ALA A 498 -4.35 17.19 -2.60
N PRO A 499 -3.56 18.02 -1.89
CA PRO A 499 -2.32 18.57 -2.48
C PRO A 499 -1.26 17.50 -2.75
N VAL A 500 -1.22 16.42 -1.96
CA VAL A 500 -0.26 15.31 -2.18
C VAL A 500 -0.66 14.60 -3.47
N PHE A 501 -1.93 14.31 -3.63
CA PHE A 501 -2.50 13.79 -4.90
C PHE A 501 -2.05 14.66 -6.10
N SER A 502 -2.28 15.95 -5.99
CA SER A 502 -1.95 16.91 -7.07
C SER A 502 -0.48 16.74 -7.47
N LYS A 503 0.42 16.78 -6.50
CA LYS A 503 1.89 16.77 -6.75
C LYS A 503 2.34 15.42 -7.30
N VAL A 504 1.84 14.33 -6.71
CA VAL A 504 2.24 12.98 -7.18
C VAL A 504 1.62 12.73 -8.54
N MET A 505 0.38 13.14 -8.77
CA MET A 505 -0.28 12.88 -10.07
C MET A 505 0.45 13.72 -11.14
N ALA A 506 0.80 14.96 -10.86
CA ALA A 506 1.51 15.85 -11.83
C ALA A 506 2.79 15.15 -12.31
N GLY A 507 3.62 14.65 -11.39
CA GLY A 507 4.85 13.92 -11.73
C GLY A 507 4.59 12.57 -12.39
N ALA A 508 3.63 11.76 -11.91
CA ALA A 508 3.39 10.40 -12.41
C ALA A 508 2.99 10.44 -13.87
N LEU A 509 2.06 11.34 -14.21
CA LEU A 509 1.54 11.44 -15.58
C LEU A 509 2.70 11.86 -16.48
N ARG A 510 3.61 12.71 -15.98
CA ARG A 510 4.74 13.18 -16.82
C ARG A 510 5.81 12.09 -16.93
N LEU A 511 6.09 11.35 -15.86
CA LEU A 511 7.03 10.19 -15.91
C LEU A 511 6.50 9.12 -16.86
N MET A 512 5.17 9.01 -17.04
CA MET A 512 4.57 8.00 -17.93
C MET A 512 4.27 8.60 -19.32
N ASN A 513 4.70 9.83 -19.56
CA ASN A 513 4.57 10.48 -20.89
C ASN A 513 3.10 10.53 -21.30
N VAL A 514 2.19 10.74 -20.36
CA VAL A 514 0.75 10.91 -20.67
C VAL A 514 0.53 12.32 -21.24
N PRO A 515 -0.03 12.43 -22.46
CA PRO A 515 -0.17 13.75 -23.10
C PRO A 515 -1.15 14.64 -22.34
N PRO A 516 -0.80 15.91 -22.05
CA PRO A 516 -1.68 16.81 -21.29
C PRO A 516 -3.02 16.96 -22.02
N ASP A 517 -4.14 16.82 -21.30
CA ASP A 517 -5.49 16.74 -21.91
C ASP A 517 -6.29 18.01 -21.61
N ASN A 518 -5.73 19.02 -20.94
CA ASN A 518 -6.42 20.33 -20.72
C ASN A 518 -6.03 21.27 -21.88
N LEU A 519 -6.64 21.04 -23.05
CA LEU A 519 -6.32 21.67 -24.36
C LEU A 519 -7.43 22.63 -24.78
N PRO A 520 -7.21 23.45 -25.83
CA PRO A 520 -8.25 24.34 -26.38
C PRO A 520 -9.20 23.66 -27.38
#